data_3R30
#
_entry.id   3R30
#
_cell.length_a   253.297
_cell.length_b   253.297
_cell.length_c   253.297
_cell.angle_alpha   90.00
_cell.angle_beta   90.00
_cell.angle_gamma   90.00
#
_symmetry.space_group_name_H-M   'F 41 3 2'
#
loop_
_entity.id
_entity.type
_entity.pdbx_description
1 polymer 'MAP kinase-activated protein kinase 2'
2 non-polymer '1-(2-aminoethyl)-3-[2-(quinolin-3-yl)pyridin-4-yl]-1H-pyrazole-5-carboxylic acid'
#
_entity_poly.entity_id   1
_entity_poly.type   'polypeptide(L)'
_entity_poly.pdbx_seq_one_letter_code
;FHVKSGLQIKKNAIIDDYKVTSQVLGLGINGKVLQIFNKRTQEKFALKMLQDCPKARREVELHWRASQCPHIVRIVDVYE
NLYAGRKCLLIVMECLDGGELFSRIQDRGDQAFTEREASEIMKSIGEAIQYLHSINIAHRDVKPENLLYTSKRPNAILKL
TDFGFAKETTSHNSLTTPCYTPYYVAPEVLGPEKYDKSCDMWSLGVIMYILLCGYPPFYSNHGLAISPGMKTRIRMGQYE
FPNPEWSEVSEEVKMLIRNLLKTEPTQRMTITEFMNHPWIMQSTKVPQTPLHTSRVLKEDKERWEDVKEEMTSALATMR
;
_entity_poly.pdbx_strand_id   A
#
loop_
_chem_comp.id
_chem_comp.type
_chem_comp.name
_chem_comp.formula
CD2 non-polymer '1-(2-aminoethyl)-3-[2-(quinolin-3-yl)pyridin-4-yl]-1H-pyrazole-5-carboxylic acid' 'C20 H17 N5 O2'
#
# COMPACT_ATOMS: atom_id res chain seq x y z
N PHE A 1 24.91 4.56 -17.09
CA PHE A 1 24.34 5.89 -16.67
C PHE A 1 22.79 5.98 -16.80
N HIS A 2 22.08 5.49 -15.79
CA HIS A 2 20.64 5.20 -15.90
C HIS A 2 19.90 6.36 -15.26
N VAL A 3 19.29 7.21 -16.05
CA VAL A 3 18.76 8.46 -15.54
C VAL A 3 17.34 8.56 -15.97
N LYS A 4 16.39 8.45 -15.06
CA LYS A 4 14.98 8.58 -15.49
C LYS A 4 14.60 10.07 -15.59
N SER A 5 13.47 10.35 -16.23
CA SER A 5 13.05 11.73 -16.44
C SER A 5 12.52 12.42 -15.18
N GLY A 6 12.34 13.73 -15.30
CA GLY A 6 11.82 14.58 -14.24
C GLY A 6 10.31 14.70 -14.27
N LEU A 7 9.76 15.37 -13.25
CA LEU A 7 8.34 15.57 -13.14
C LEU A 7 7.87 16.72 -14.02
N GLN A 8 7.27 16.40 -15.15
CA GLN A 8 6.67 17.41 -15.98
C GLN A 8 5.23 17.59 -15.53
N ILE A 9 4.93 18.75 -15.00
CA ILE A 9 3.55 19.07 -14.68
C ILE A 9 2.93 19.75 -15.89
N LYS A 10 2.22 19.00 -16.71
CA LYS A 10 1.53 19.56 -17.88
C LYS A 10 0.44 20.58 -17.49
N LYS A 11 0.45 21.73 -18.16
CA LYS A 11 -0.44 22.86 -17.90
C LYS A 11 -1.71 22.91 -18.76
N ASN A 12 -1.82 22.09 -19.80
CA ASN A 12 -2.98 22.14 -20.71
C ASN A 12 -4.16 21.40 -20.16
N ALA A 13 -5.35 21.72 -20.65
CA ALA A 13 -6.57 21.05 -20.17
C ALA A 13 -6.37 19.56 -20.23
N ILE A 14 -6.78 18.86 -19.18
CA ILE A 14 -6.65 17.41 -19.12
C ILE A 14 -7.62 16.81 -20.11
N ILE A 15 -8.67 17.55 -20.41
CA ILE A 15 -9.72 17.04 -21.29
C ILE A 15 -9.26 17.07 -22.74
N ASP A 16 -8.15 17.76 -22.98
CA ASP A 16 -7.49 17.66 -24.26
C ASP A 16 -6.86 16.27 -24.50
N ASP A 17 -6.46 15.58 -23.45
CA ASP A 17 -5.68 14.34 -23.58
C ASP A 17 -6.41 13.09 -23.11
N TYR A 18 -7.45 13.27 -22.29
CA TYR A 18 -8.18 12.12 -21.76
C TYR A 18 -9.63 12.45 -21.78
N LYS A 19 -10.46 11.42 -21.74
CA LYS A 19 -11.89 11.62 -21.51
C LYS A 19 -12.16 11.19 -20.08
N VAL A 20 -12.57 12.16 -19.25
CA VAL A 20 -12.85 11.95 -17.84
C VAL A 20 -14.26 11.41 -17.72
N THR A 21 -14.46 10.25 -17.07
CA THR A 21 -15.80 9.68 -16.82
C THR A 21 -16.24 9.92 -15.36
N SER A 22 -17.38 9.36 -15.00
CA SER A 22 -17.88 9.46 -13.64
C SER A 22 -17.42 8.32 -12.71
N GLN A 23 -17.21 7.13 -13.26
CA GLN A 23 -17.09 5.96 -12.40
C GLN A 23 -15.98 6.18 -11.38
N VAL A 24 -16.37 6.13 -10.11
CA VAL A 24 -15.46 6.35 -9.00
C VAL A 24 -14.75 5.05 -8.68
N LEU A 25 -13.43 5.11 -8.66
CA LEU A 25 -12.63 3.92 -8.36
C LEU A 25 -12.15 3.93 -6.89
N GLY A 26 -12.45 5.01 -6.15
CA GLY A 26 -12.09 5.13 -4.72
C GLY A 26 -12.26 6.54 -4.18
N LEU A 27 -12.56 6.64 -2.89
CA LEU A 27 -12.70 7.92 -2.18
C LEU A 27 -11.64 7.95 -1.09
N GLY A 28 -10.80 8.98 -1.02
CA GLY A 28 -9.77 8.93 0.04
C GLY A 28 -8.92 10.09 0.57
N ILE A 29 -9.46 11.32 0.60
N ILE A 29 -9.44 11.33 0.62
CA ILE A 29 -8.89 12.37 1.50
CA ILE A 29 -8.77 12.44 1.34
C ILE A 29 -9.75 13.58 1.97
C ILE A 29 -9.68 13.58 1.91
N GLY A 31 -12.60 13.65 -1.83
CA GLY A 31 -11.79 13.65 -3.06
C GLY A 31 -11.83 12.30 -3.78
N LYS A 32 -12.88 12.11 -4.57
CA LYS A 32 -13.10 10.87 -5.31
C LYS A 32 -12.01 10.63 -6.37
N VAL A 33 -11.77 9.35 -6.68
CA VAL A 33 -10.86 8.96 -7.77
C VAL A 33 -11.68 8.43 -8.94
N LEU A 34 -11.50 9.04 -10.10
CA LEU A 34 -12.35 8.77 -11.25
C LEU A 34 -11.62 7.94 -12.29
N GLN A 35 -12.37 7.13 -13.01
CA GLN A 35 -11.82 6.40 -14.15
C GLN A 35 -11.86 7.31 -15.35
N ILE A 36 -10.75 7.35 -16.08
CA ILE A 36 -10.65 8.17 -17.28
C ILE A 36 -9.94 7.34 -18.34
N PHE A 37 -10.15 7.70 -19.61
CA PHE A 37 -9.54 7.01 -20.76
C PHE A 37 -8.62 7.91 -21.59
N ASN A 38 -7.43 7.40 -21.89
CA ASN A 38 -6.45 8.12 -22.70
C ASN A 38 -6.97 8.19 -24.12
N LYS A 39 -7.15 9.40 -24.64
CA LYS A 39 -7.68 9.56 -25.98
C LYS A 39 -6.86 8.83 -27.01
N ARG A 40 -5.54 8.97 -26.93
CA ARG A 40 -4.65 8.35 -27.91
C ARG A 40 -4.67 6.83 -27.94
N THR A 41 -4.56 6.24 -26.76
CA THR A 41 -4.38 4.79 -26.62
C THR A 41 -5.64 4.06 -26.31
N GLN A 42 -6.49 4.74 -25.56
CA GLN A 42 -7.77 4.24 -25.10
C GLN A 42 -7.67 3.34 -23.86
N GLU A 43 -6.51 3.32 -23.23
CA GLU A 43 -6.34 2.60 -21.99
C GLU A 43 -7.06 3.34 -20.86
N LYS A 44 -7.55 2.57 -19.87
CA LYS A 44 -8.20 3.09 -18.67
C LYS A 44 -7.13 3.60 -17.69
N PHE A 45 -7.43 4.74 -17.08
CA PHE A 45 -6.56 5.28 -16.07
C PHE A 45 -7.39 5.81 -14.93
N ALA A 46 -6.72 6.00 -13.80
CA ALA A 46 -7.32 6.52 -12.58
C ALA A 46 -6.85 7.94 -12.43
N LEU A 47 -7.77 8.85 -12.11
CA LEU A 47 -7.43 10.26 -11.96
C LEU A 47 -7.67 10.69 -10.54
N LYS A 48 -6.68 11.36 -9.94
CA LYS A 48 -6.83 11.91 -8.59
C LYS A 48 -6.71 13.42 -8.66
N MET A 49 -7.63 14.10 -8.01
CA MET A 49 -7.71 15.53 -8.12
C MET A 49 -7.54 16.20 -6.79
N LEU A 50 -6.58 17.11 -6.72
CA LEU A 50 -6.29 17.85 -5.49
C LEU A 50 -6.36 19.37 -5.73
N GLN A 51 -6.60 20.10 -4.64
CA GLN A 51 -6.52 21.54 -4.65
C GLN A 51 -5.04 21.85 -4.64
N ASP A 52 -4.57 22.72 -5.55
CA ASP A 52 -3.13 23.02 -5.67
C ASP A 52 -2.62 23.87 -4.52
N CYS A 53 -2.41 23.19 -3.39
CA CYS A 53 -1.84 23.78 -2.21
C CYS A 53 -0.42 23.17 -2.11
N PRO A 54 0.34 23.49 -1.05
CA PRO A 54 1.69 22.95 -1.00
C PRO A 54 1.76 21.50 -0.48
N LYS A 55 0.86 21.14 0.45
CA LYS A 55 0.71 19.74 0.86
C LYS A 55 0.48 18.84 -0.38
N ALA A 56 -0.41 19.26 -1.28
CA ALA A 56 -0.69 18.49 -2.49
C ALA A 56 0.51 18.38 -3.46
N ARG A 57 1.34 19.42 -3.52
CA ARG A 57 2.56 19.33 -4.31
C ARG A 57 3.56 18.36 -3.61
N ARG A 58 3.43 18.17 -2.29
CA ARG A 58 4.28 17.20 -1.60
C ARG A 58 3.88 15.79 -1.98
N GLU A 59 2.58 15.53 -2.04
CA GLU A 59 2.12 14.19 -2.37
C GLU A 59 2.68 13.85 -3.75
N VAL A 60 2.32 14.64 -4.74
CA VAL A 60 2.80 14.44 -6.10
C VAL A 60 4.30 14.11 -6.14
N GLU A 61 5.08 15.02 -5.59
CA GLU A 61 6.50 14.92 -5.60
C GLU A 61 6.93 13.57 -5.09
N LEU A 62 6.37 13.19 -3.94
CA LEU A 62 6.80 11.97 -3.26
C LEU A 62 6.28 10.76 -3.97
N HIS A 63 5.04 10.79 -4.44
CA HIS A 63 4.52 9.66 -5.18
C HIS A 63 5.38 9.47 -6.42
N TRP A 64 5.53 10.57 -7.14
CA TRP A 64 6.26 10.52 -8.37
C TRP A 64 7.64 9.90 -8.17
N ARG A 65 8.30 10.30 -7.11
CA ARG A 65 9.64 9.84 -6.89
C ARG A 65 9.61 8.32 -6.64
N ALA A 66 8.53 7.86 -6.01
CA ALA A 66 8.36 6.45 -5.63
C ALA A 66 7.73 5.58 -6.71
N SER A 67 7.40 6.20 -7.84
CA SER A 67 6.54 5.55 -8.82
C SER A 67 7.22 4.42 -9.58
N GLN A 68 8.54 4.48 -9.64
CA GLN A 68 9.36 3.49 -10.35
C GLN A 68 9.28 2.10 -9.71
N CYS A 69 9.13 2.06 -8.39
CA CYS A 69 8.91 0.79 -7.70
C CYS A 69 7.76 -0.01 -8.32
N PRO A 70 8.06 -1.25 -8.70
CA PRO A 70 7.05 -2.14 -9.27
C PRO A 70 5.79 -2.34 -8.43
N HIS A 71 5.90 -2.25 -7.11
CA HIS A 71 4.74 -2.47 -6.29
C HIS A 71 4.15 -1.19 -5.78
N ILE A 72 4.36 -0.11 -6.52
CA ILE A 72 3.76 1.16 -6.17
C ILE A 72 3.09 1.76 -7.40
N VAL A 73 1.79 1.98 -7.29
CA VAL A 73 1.01 2.52 -8.39
C VAL A 73 1.74 3.67 -9.14
N ARG A 74 2.01 3.44 -10.43
CA ARG A 74 2.74 4.35 -11.28
C ARG A 74 1.96 5.63 -11.59
N ILE A 75 2.65 6.77 -11.62
CA ILE A 75 2.05 8.02 -12.05
C ILE A 75 2.48 8.20 -13.48
N VAL A 76 1.52 8.56 -14.33
CA VAL A 76 1.72 8.63 -15.76
C VAL A 76 1.71 10.04 -16.28
N ASP A 77 0.88 10.90 -15.71
CA ASP A 77 1.13 12.34 -15.87
C ASP A 77 0.36 13.20 -14.86
N VAL A 78 0.87 14.41 -14.66
CA VAL A 78 0.36 15.32 -13.67
C VAL A 78 0.06 16.63 -14.35
N TYR A 79 -1.09 17.19 -14.02
CA TYR A 79 -1.62 18.37 -14.69
C TYR A 79 -1.91 19.50 -13.73
N GLU A 80 -1.63 20.73 -14.13
CA GLU A 80 -2.07 21.90 -13.39
C GLU A 80 -3.19 22.60 -14.14
N ASN A 81 -4.42 22.48 -13.65
CA ASN A 81 -5.57 23.12 -14.29
C ASN A 81 -6.39 23.93 -13.30
N LEU A 82 -7.09 24.90 -13.87
CA LEU A 82 -8.16 25.67 -13.24
C LEU A 82 -9.47 24.90 -13.31
N TYR A 83 -10.28 25.10 -12.28
CA TYR A 83 -11.54 24.42 -12.08
C TYR A 83 -12.37 25.21 -11.06
N ALA A 84 -13.33 25.97 -11.59
CA ALA A 84 -14.10 26.85 -10.75
C ALA A 84 -13.12 27.78 -10.02
N GLY A 85 -12.41 28.61 -10.78
CA GLY A 85 -11.44 29.57 -10.21
C GLY A 85 -10.45 28.98 -9.21
N ARG A 86 -10.35 27.65 -9.24
CA ARG A 86 -9.64 26.86 -8.24
C ARG A 86 -8.51 26.05 -8.91
N LYS A 87 -7.27 26.50 -8.71
CA LYS A 87 -6.07 25.83 -9.20
C LYS A 87 -6.05 24.39 -8.68
N CYS A 88 -5.64 23.44 -9.53
CA CYS A 88 -5.72 22.02 -9.16
C CYS A 88 -4.58 21.16 -9.66
N LEU A 89 -4.25 20.14 -8.88
CA LEU A 89 -3.32 19.15 -9.31
C LEU A 89 -4.09 17.88 -9.61
N LEU A 90 -4.05 17.47 -10.87
CA LEU A 90 -4.70 16.25 -11.30
C LEU A 90 -3.58 15.24 -11.50
N ILE A 91 -3.70 14.08 -10.86
CA ILE A 91 -2.73 13.03 -11.00
C ILE A 91 -3.39 11.94 -11.81
N VAL A 92 -2.66 11.38 -12.76
CA VAL A 92 -3.14 10.24 -13.53
C VAL A 92 -2.32 9.01 -13.15
N MET A 93 -2.98 7.92 -12.79
CA MET A 93 -2.26 6.73 -12.31
C MET A 93 -2.63 5.49 -13.06
N GLU A 94 -1.79 4.47 -12.91
CA GLU A 94 -2.09 3.17 -13.49
C GLU A 94 -3.37 2.61 -12.88
N CYS A 95 -4.25 2.12 -13.73
CA CYS A 95 -5.54 1.65 -13.24
C CYS A 95 -5.45 0.23 -12.66
N LEU A 96 -5.54 0.14 -11.35
CA LEU A 96 -5.44 -1.15 -10.69
C LEU A 96 -6.82 -1.81 -10.64
N ASP A 97 -7.07 -2.72 -11.59
CA ASP A 97 -8.42 -3.32 -11.73
C ASP A 97 -8.75 -4.35 -10.68
N GLY A 98 -7.76 -5.10 -10.21
CA GLY A 98 -8.02 -6.19 -9.28
C GLY A 98 -8.76 -5.83 -8.00
N GLY A 99 -8.70 -4.58 -7.58
CA GLY A 99 -9.43 -4.13 -6.39
C GLY A 99 -8.68 -4.46 -5.11
N GLU A 100 -9.31 -4.15 -3.99
CA GLU A 100 -8.61 -4.12 -2.70
C GLU A 100 -8.20 -5.50 -2.21
N LEU A 101 -7.01 -5.55 -1.61
CA LEU A 101 -6.37 -6.82 -1.24
C LEU A 101 -7.32 -7.85 -0.62
N PHE A 102 -8.10 -7.42 0.36
CA PHE A 102 -8.88 -8.39 1.13
C PHE A 102 -10.17 -8.79 0.45
N SER A 103 -10.66 -7.93 -0.42
CA SER A 103 -11.81 -8.27 -1.23
C SER A 103 -11.44 -9.49 -2.05
N ARG A 104 -10.30 -9.40 -2.72
CA ARG A 104 -9.74 -10.50 -3.51
C ARG A 104 -9.45 -11.76 -2.70
N ILE A 105 -9.13 -11.61 -1.42
CA ILE A 105 -8.93 -12.76 -0.57
C ILE A 105 -10.27 -13.47 -0.52
N GLN A 106 -11.31 -12.75 -0.09
CA GLN A 106 -12.64 -13.35 0.13
C GLN A 106 -13.38 -13.70 -1.18
N ASP A 107 -13.05 -14.86 -1.76
CA ASP A 107 -13.69 -15.36 -2.99
C ASP A 107 -13.72 -16.89 -3.09
N THR A 114 -3.54 -19.64 1.65
CA THR A 114 -2.40 -20.40 2.19
C THR A 114 -1.24 -19.55 2.77
N GLU A 115 -0.46 -20.15 3.66
CA GLU A 115 0.71 -19.51 4.28
C GLU A 115 1.71 -19.06 3.21
N ARG A 116 1.96 -19.91 2.22
CA ARG A 116 2.89 -19.62 1.13
C ARG A 116 2.41 -18.40 0.34
N GLU A 117 1.09 -18.35 0.09
CA GLU A 117 0.47 -17.20 -0.56
C GLU A 117 0.54 -15.97 0.34
N ALA A 118 0.32 -16.17 1.64
CA ALA A 118 0.39 -15.07 2.58
C ALA A 118 1.73 -14.38 2.44
N SER A 119 2.80 -15.18 2.47
CA SER A 119 4.19 -14.70 2.39
C SER A 119 4.49 -13.86 1.14
N GLU A 120 4.19 -14.43 -0.01
CA GLU A 120 4.38 -13.74 -1.27
C GLU A 120 3.73 -12.35 -1.25
N ILE A 121 2.46 -12.27 -0.84
CA ILE A 121 1.80 -10.98 -0.71
C ILE A 121 2.60 -10.09 0.23
N MET A 122 2.98 -10.62 1.39
CA MET A 122 3.73 -9.81 2.31
C MET A 122 5.05 -9.38 1.69
N LYS A 123 5.69 -10.25 0.91
CA LYS A 123 6.96 -9.89 0.26
C LYS A 123 6.75 -8.66 -0.59
N SER A 124 5.72 -8.68 -1.40
CA SER A 124 5.53 -7.59 -2.34
C SER A 124 5.33 -6.28 -1.58
N ILE A 125 4.51 -6.31 -0.55
CA ILE A 125 4.30 -5.11 0.23
C ILE A 125 5.60 -4.64 0.87
N GLY A 126 6.46 -5.56 1.27
CA GLY A 126 7.74 -5.17 1.83
C GLY A 126 8.61 -4.39 0.85
N GLU A 127 8.64 -4.88 -0.39
CA GLU A 127 9.46 -4.25 -1.44
C GLU A 127 8.97 -2.84 -1.67
N ALA A 128 7.67 -2.67 -1.53
CA ALA A 128 7.09 -1.38 -1.65
C ALA A 128 7.70 -0.44 -0.59
N ILE A 129 7.73 -0.90 0.65
CA ILE A 129 8.23 -0.06 1.74
C ILE A 129 9.75 0.03 1.65
N GLN A 130 10.37 -1.09 1.29
CA GLN A 130 11.79 -1.09 1.20
C GLN A 130 12.24 0.01 0.28
N TYR A 131 11.54 0.17 -0.82
CA TYR A 131 11.94 1.16 -1.80
C TYR A 131 11.80 2.53 -1.17
N LEU A 132 10.60 2.80 -0.67
CA LEU A 132 10.30 4.07 -0.07
C LEU A 132 11.30 4.41 1.04
N HIS A 133 11.56 3.45 1.91
CA HIS A 133 12.49 3.73 2.97
C HIS A 133 13.88 4.05 2.42
N SER A 134 14.32 3.31 1.41
CA SER A 134 15.67 3.49 0.87
C SER A 134 15.83 4.82 0.17
N ILE A 135 14.73 5.49 -0.15
CA ILE A 135 14.80 6.86 -0.67
C ILE A 135 14.25 7.86 0.34
N ASN A 136 14.23 7.44 1.60
CA ASN A 136 13.80 8.29 2.73
C ASN A 136 12.38 8.80 2.64
N ILE A 137 11.48 7.92 2.23
CA ILE A 137 10.07 8.26 2.27
C ILE A 137 9.38 7.29 3.23
N ALA A 138 8.68 7.87 4.19
CA ALA A 138 7.69 7.14 4.96
C ALA A 138 6.35 7.27 4.25
N HIS A 139 5.61 6.17 4.20
CA HIS A 139 4.29 6.18 3.63
C HIS A 139 3.26 6.50 4.68
N ARG A 140 3.40 5.90 5.84
CA ARG A 140 2.47 6.07 6.95
C ARG A 140 1.16 5.31 6.71
N ASP A 141 0.20 5.87 5.97
CA ASP A 141 -1.12 5.27 5.76
C ASP A 141 -1.08 3.97 4.95
N VAL A 142 -0.46 2.93 5.47
CA VAL A 142 -0.34 1.65 4.76
C VAL A 142 -1.47 0.66 5.15
N LYS A 143 -2.71 1.13 5.15
CA LYS A 143 -3.83 0.23 5.42
C LYS A 143 -4.12 -0.68 4.20
N PRO A 144 -4.96 -1.72 4.37
CA PRO A 144 -5.40 -2.55 3.23
C PRO A 144 -6.15 -1.82 2.13
N GLU A 145 -6.96 -0.83 2.51
CA GLU A 145 -7.68 0.01 1.56
C GLU A 145 -6.78 0.62 0.52
N ASN A 146 -5.47 0.66 0.77
CA ASN A 146 -4.52 1.23 -0.19
C ASN A 146 -3.61 0.17 -0.80
N LEU A 147 -4.04 -1.08 -0.76
CA LEU A 147 -3.29 -2.16 -1.37
C LEU A 147 -4.18 -2.78 -2.46
N LEU A 148 -3.85 -2.54 -3.74
CA LEU A 148 -4.72 -3.02 -4.84
C LEU A 148 -3.94 -3.85 -5.84
N TYR A 149 -4.63 -4.78 -6.50
CA TYR A 149 -4.05 -5.62 -7.55
C TYR A 149 -4.26 -4.98 -8.92
N THR A 150 -3.39 -5.32 -9.87
CA THR A 150 -3.44 -4.73 -11.20
C THR A 150 -4.53 -5.34 -12.07
N SER A 151 -4.99 -6.52 -11.69
CA SER A 151 -6.07 -7.17 -12.39
C SER A 151 -6.70 -8.29 -11.55
N LYS A 152 -7.92 -8.69 -11.93
CA LYS A 152 -8.65 -9.77 -11.26
C LYS A 152 -7.92 -11.09 -11.52
N ARG A 153 -7.08 -11.12 -12.56
CA ARG A 153 -6.23 -12.27 -12.87
C ARG A 153 -5.44 -12.73 -11.62
N PRO A 154 -5.19 -14.05 -11.48
CA PRO A 154 -4.53 -14.57 -10.28
C PRO A 154 -3.03 -14.27 -10.22
N ASN A 155 -2.36 -14.25 -11.37
CA ASN A 155 -0.95 -13.81 -11.42
C ASN A 155 -0.78 -12.30 -11.08
N ALA A 156 -1.86 -11.52 -11.20
CA ALA A 156 -1.88 -10.05 -11.04
C ALA A 156 -1.08 -9.58 -9.86
N ILE A 157 -0.44 -8.42 -9.95
CA ILE A 157 0.45 -8.05 -8.87
C ILE A 157 0.05 -6.83 -8.05
N LEU A 158 0.37 -6.91 -6.76
CA LEU A 158 -0.10 -6.02 -5.69
C LEU A 158 0.75 -4.78 -5.63
N LYS A 159 0.09 -3.63 -5.67
CA LYS A 159 0.74 -2.34 -5.70
C LYS A 159 0.15 -1.40 -4.67
N LEU A 160 0.99 -0.59 -4.04
CA LEU A 160 0.59 0.32 -2.95
C LEU A 160 0.16 1.69 -3.45
N THR A 161 -0.86 2.27 -2.85
CA THR A 161 -1.39 3.54 -3.32
C THR A 161 -1.64 4.54 -2.19
N ASP A 162 -2.02 5.75 -2.56
CA ASP A 162 -2.35 6.82 -1.62
C ASP A 162 -1.14 7.36 -0.86
N PHE A 163 -0.65 8.52 -1.27
CA PHE A 163 0.51 9.16 -0.63
C PHE A 163 0.17 10.40 0.14
N GLY A 164 -1.08 10.54 0.53
CA GLY A 164 -1.54 11.77 1.16
C GLY A 164 -0.84 12.06 2.48
N PHE A 165 -0.42 10.98 3.14
CA PHE A 165 0.18 11.04 4.46
C PHE A 165 1.69 10.80 4.38
N ALA A 166 2.18 10.38 3.22
CA ALA A 166 3.61 10.21 3.03
C ALA A 166 4.40 11.46 3.43
N LYS A 167 5.63 11.25 3.90
CA LYS A 167 6.48 12.34 4.42
C LYS A 167 7.96 11.97 4.23
N GLU A 168 8.77 12.98 3.89
CA GLU A 168 10.16 12.77 3.59
C GLU A 168 10.93 12.66 4.89
N THR A 169 11.70 11.59 5.09
CA THR A 169 12.40 11.37 6.37
C THR A 169 13.79 12.00 6.51
N THR A 170 14.33 12.54 5.42
CA THR A 170 15.71 13.05 5.37
C THR A 170 16.07 13.94 6.56
N PRO A 187 25.31 5.56 12.19
CA PRO A 187 24.09 6.16 11.62
C PRO A 187 23.49 7.32 12.42
N GLU A 188 23.73 7.32 13.73
CA GLU A 188 23.35 8.44 14.60
C GLU A 188 23.82 9.77 14.02
N VAL A 189 25.15 9.94 13.93
CA VAL A 189 25.76 11.20 13.44
C VAL A 189 25.35 11.56 12.00
N LEU A 190 24.83 10.59 11.24
CA LEU A 190 24.10 10.85 9.97
C LEU A 190 22.73 11.47 10.32
N ASP A 196 9.53 7.33 12.45
CA ASP A 196 8.54 7.75 11.40
C ASP A 196 8.21 6.67 10.35
N LYS A 197 9.22 5.98 9.85
CA LYS A 197 9.00 4.82 9.01
C LYS A 197 8.83 3.56 9.86
N SER A 198 9.09 3.67 11.14
CA SER A 198 8.81 2.58 12.08
C SER A 198 7.36 2.14 12.05
N CYS A 199 6.47 3.08 11.74
CA CYS A 199 5.06 2.79 11.79
C CYS A 199 4.57 2.11 10.51
N ASP A 200 5.31 2.24 9.42
CA ASP A 200 5.06 1.38 8.27
C ASP A 200 5.24 -0.10 8.65
N MET A 201 6.22 -0.38 9.51
CA MET A 201 6.47 -1.75 9.90
C MET A 201 5.34 -2.29 10.77
N TRP A 202 4.70 -1.40 11.53
CA TRP A 202 3.50 -1.77 12.26
C TRP A 202 2.44 -2.21 11.25
N SER A 203 2.14 -1.36 10.28
CA SER A 203 1.12 -1.66 9.29
C SER A 203 1.41 -3.01 8.69
N LEU A 204 2.66 -3.26 8.37
CA LEU A 204 3.00 -4.54 7.78
C LEU A 204 2.54 -5.60 8.75
N GLY A 205 2.96 -5.47 10.01
CA GLY A 205 2.63 -6.45 11.05
C GLY A 205 1.15 -6.76 11.09
N VAL A 206 0.36 -5.72 11.09
CA VAL A 206 -1.08 -5.86 11.13
C VAL A 206 -1.58 -6.59 9.89
N ILE A 207 -1.09 -6.17 8.73
CA ILE A 207 -1.53 -6.73 7.46
C ILE A 207 -1.17 -8.21 7.38
N MET A 208 -0.02 -8.57 7.95
CA MET A 208 0.37 -9.98 8.07
C MET A 208 -0.68 -10.71 8.89
N TYR A 209 -0.97 -10.17 10.07
CA TYR A 209 -1.92 -10.81 10.98
C TYR A 209 -3.19 -11.18 10.24
N ILE A 210 -3.83 -10.18 9.65
CA ILE A 210 -5.11 -10.36 8.98
C ILE A 210 -5.04 -11.40 7.88
N LEU A 211 -3.97 -11.39 7.09
CA LEU A 211 -3.83 -12.38 6.03
C LEU A 211 -3.97 -13.80 6.57
N LEU A 212 -3.41 -14.05 7.75
CA LEU A 212 -3.39 -15.40 8.30
C LEU A 212 -4.72 -15.78 8.96
N CYS A 213 -5.09 -15.11 10.03
CA CYS A 213 -6.34 -15.43 10.73
C CYS A 213 -7.59 -14.88 10.07
N GLY A 214 -7.52 -13.68 9.50
CA GLY A 214 -8.68 -13.06 8.82
C GLY A 214 -9.36 -11.89 9.55
N TYR A 215 -8.72 -11.38 10.60
CA TYR A 215 -9.30 -10.31 11.43
C TYR A 215 -8.20 -9.57 12.16
N PRO A 216 -8.48 -8.32 12.56
CA PRO A 216 -7.39 -7.54 13.18
C PRO A 216 -6.92 -8.13 14.51
N PRO A 217 -5.73 -7.71 14.98
CA PRO A 217 -5.28 -8.18 16.27
C PRO A 217 -5.94 -7.41 17.40
N PHE A 218 -6.53 -6.25 17.07
CA PHE A 218 -7.21 -5.41 18.08
C PHE A 218 -8.69 -5.13 17.73
N TYR A 219 -9.53 -6.15 17.96
CA TYR A 219 -10.98 -6.05 17.73
C TYR A 219 -11.65 -5.11 18.75
N SER A 220 -12.77 -4.52 18.31
CA SER A 220 -13.40 -3.38 19.00
C SER A 220 -14.17 -3.80 20.26
N GLY A 229 -11.07 -0.80 26.08
CA GLY A 229 -10.91 -0.08 24.82
C GLY A 229 -9.91 -0.70 23.86
N MET A 230 -10.12 -0.50 22.55
CA MET A 230 -9.19 -0.94 21.51
C MET A 230 -7.95 -0.04 21.50
N LYS A 231 -8.16 1.27 21.71
CA LYS A 231 -7.03 2.23 21.82
C LYS A 231 -6.04 1.87 22.96
N THR A 232 -6.57 1.42 24.10
CA THR A 232 -5.77 1.02 25.28
C THR A 232 -5.12 -0.36 25.13
N ARG A 233 -5.77 -1.30 24.43
CA ARG A 233 -5.19 -2.61 24.12
C ARG A 233 -4.04 -2.55 23.09
N ILE A 234 -4.01 -1.50 22.25
CA ILE A 234 -2.90 -1.29 21.28
C ILE A 234 -1.63 -0.81 21.97
N ARG A 235 -1.80 0.10 22.94
CA ARG A 235 -0.67 0.72 23.63
C ARG A 235 0.03 -0.29 24.55
N MET A 236 -0.73 -1.26 25.07
CA MET A 236 -0.22 -2.35 25.94
C MET A 236 0.54 -3.46 25.17
N GLY A 237 0.35 -3.51 23.85
CA GLY A 237 0.80 -4.64 23.03
C GLY A 237 -0.05 -5.88 23.30
N GLN A 238 -1.35 -5.66 23.55
CA GLN A 238 -2.29 -6.69 24.03
C GLN A 238 -3.04 -7.42 22.90
N TYR A 239 -2.50 -8.55 22.45
CA TYR A 239 -3.11 -9.38 21.39
C TYR A 239 -2.78 -10.88 21.59
N GLU A 240 -3.69 -11.73 21.12
CA GLU A 240 -3.53 -13.16 21.22
C GLU A 240 -3.28 -13.77 19.84
N PHE A 241 -3.07 -15.09 19.82
CA PHE A 241 -3.01 -15.89 18.60
C PHE A 241 -3.99 -17.06 18.74
N PRO A 242 -5.27 -16.75 18.94
CA PRO A 242 -6.19 -17.79 19.31
C PRO A 242 -6.36 -18.85 18.23
N ASN A 243 -6.53 -20.09 18.67
CA ASN A 243 -6.91 -21.19 17.79
C ASN A 243 -8.43 -21.16 17.62
N PRO A 244 -8.95 -21.77 16.53
CA PRO A 244 -8.25 -22.61 15.56
C PRO A 244 -7.56 -21.88 14.42
N GLU A 245 -7.74 -20.57 14.35
CA GLU A 245 -7.04 -19.80 13.30
C GLU A 245 -5.52 -20.05 13.36
N TRP A 246 -4.93 -19.84 14.54
CA TRP A 246 -3.48 -19.90 14.74
C TRP A 246 -2.95 -21.27 15.23
N SER A 247 -3.81 -22.28 15.27
CA SER A 247 -3.42 -23.61 15.71
C SER A 247 -2.37 -24.21 14.78
N GLU A 248 -2.69 -24.22 13.48
CA GLU A 248 -1.84 -24.82 12.45
C GLU A 248 -0.68 -23.92 12.07
N VAL A 249 -0.72 -22.66 12.51
CA VAL A 249 0.27 -21.64 12.12
C VAL A 249 1.64 -21.81 12.82
N SER A 250 2.67 -21.35 12.10
CA SER A 250 4.07 -21.56 12.49
C SER A 250 4.51 -20.64 13.63
N GLU A 251 5.44 -21.14 14.44
CA GLU A 251 6.08 -20.33 15.47
C GLU A 251 6.97 -19.25 14.82
N GLU A 252 7.61 -19.62 13.71
CA GLU A 252 8.46 -18.71 12.96
C GLU A 252 7.73 -17.44 12.56
N VAL A 253 6.49 -17.58 12.10
CA VAL A 253 5.68 -16.42 11.74
C VAL A 253 5.28 -15.67 12.98
N LYS A 254 4.80 -16.40 13.98
CA LYS A 254 4.33 -15.78 15.20
C LYS A 254 5.38 -14.77 15.65
N MET A 255 6.61 -15.25 15.85
CA MET A 255 7.68 -14.39 16.41
C MET A 255 7.96 -13.18 15.47
N LEU A 256 7.82 -13.40 14.16
CA LEU A 256 7.91 -12.28 13.22
C LEU A 256 6.77 -11.26 13.42
N ILE A 257 5.54 -11.71 13.58
CA ILE A 257 4.48 -10.75 13.81
C ILE A 257 4.78 -10.01 15.09
N ARG A 258 5.22 -10.77 16.10
CA ARG A 258 5.55 -10.23 17.41
C ARG A 258 6.55 -9.08 17.31
N ASN A 259 7.64 -9.27 16.55
CA ASN A 259 8.65 -8.19 16.36
C ASN A 259 8.11 -7.00 15.60
N LEU A 260 7.19 -7.25 14.67
CA LEU A 260 6.55 -6.17 13.90
C LEU A 260 5.56 -5.33 14.73
N LEU A 261 4.84 -6.00 15.63
CA LEU A 261 3.87 -5.33 16.48
C LEU A 261 4.43 -5.03 17.87
N LYS A 262 5.68 -4.59 17.92
CA LYS A 262 6.28 -4.15 19.17
C LYS A 262 5.74 -2.75 19.50
N THR A 263 5.24 -2.57 20.71
CA THR A 263 4.69 -1.29 21.18
C THR A 263 5.72 -0.18 21.07
N GLU A 264 6.93 -0.44 21.56
CA GLU A 264 8.04 0.51 21.47
C GLU A 264 8.62 0.48 20.06
N PRO A 265 8.69 1.65 19.36
CA PRO A 265 9.13 1.59 17.96
C PRO A 265 10.59 1.18 17.80
N THR A 266 11.44 1.71 18.66
CA THR A 266 12.85 1.52 18.51
C THR A 266 13.19 0.03 18.69
N GLN A 267 12.27 -0.71 19.30
CA GLN A 267 12.44 -2.15 19.51
C GLN A 267 12.00 -2.90 18.25
N ARG A 268 11.29 -2.22 17.37
CA ARG A 268 10.54 -2.87 16.32
C ARG A 268 11.41 -3.16 15.15
N MET A 269 11.06 -4.17 14.38
CA MET A 269 11.88 -4.60 13.21
C MET A 269 12.06 -3.57 12.09
N THR A 270 13.29 -3.47 11.54
CA THR A 270 13.54 -2.63 10.36
C THR A 270 13.03 -3.28 9.07
N ILE A 271 12.78 -2.49 8.05
CA ILE A 271 12.36 -3.04 6.76
C ILE A 271 13.42 -3.99 6.20
N THR A 272 14.69 -3.63 6.34
CA THR A 272 15.78 -4.41 5.76
C THR A 272 15.86 -5.77 6.39
N GLU A 273 15.68 -5.78 7.70
CA GLU A 273 15.68 -7.02 8.47
C GLU A 273 14.50 -7.91 8.00
N PHE A 274 13.35 -7.27 7.86
CA PHE A 274 12.12 -7.93 7.49
C PHE A 274 12.30 -8.71 6.21
N MET A 275 12.97 -8.09 5.24
CA MET A 275 13.10 -8.68 3.95
C MET A 275 14.16 -9.76 3.97
N ASN A 276 15.10 -9.70 4.90
CA ASN A 276 16.08 -10.79 5.05
C ASN A 276 15.50 -11.99 5.82
N HIS A 277 14.36 -11.80 6.47
CA HIS A 277 13.76 -12.87 7.25
C HIS A 277 13.34 -14.05 6.36
N PRO A 278 13.79 -15.28 6.74
CA PRO A 278 13.62 -16.47 5.89
C PRO A 278 12.21 -16.69 5.35
N TRP A 279 11.20 -16.40 6.16
CA TRP A 279 9.82 -16.59 5.74
C TRP A 279 9.52 -15.72 4.54
N ILE A 280 9.92 -14.45 4.60
CA ILE A 280 9.74 -13.53 3.49
C ILE A 280 10.75 -13.81 2.39
N MET A 281 12.03 -13.96 2.75
CA MET A 281 13.09 -14.14 1.74
C MET A 281 12.89 -15.40 0.91
N GLN A 282 12.39 -16.45 1.56
CA GLN A 282 12.12 -17.72 0.87
C GLN A 282 10.62 -18.03 0.81
N SER A 283 9.95 -17.41 -0.15
CA SER A 283 8.57 -17.75 -0.49
C SER A 283 8.55 -18.98 -1.42
N THR A 284 9.65 -19.22 -2.11
CA THR A 284 9.80 -20.40 -2.96
C THR A 284 10.01 -21.73 -2.18
N LYS A 285 10.42 -21.62 -0.90
CA LYS A 285 10.61 -22.78 -0.02
C LYS A 285 9.88 -22.55 1.31
N VAL A 286 8.58 -22.27 1.23
CA VAL A 286 7.71 -22.08 2.41
C VAL A 286 6.56 -23.09 2.40
N PRO A 287 6.06 -23.45 3.60
CA PRO A 287 4.87 -24.30 3.73
C PRO A 287 3.65 -23.84 2.93
N GLN A 288 2.96 -24.80 2.30
CA GLN A 288 1.64 -24.58 1.68
C GLN A 288 0.53 -24.93 2.68
N THR A 289 0.65 -24.40 3.89
CA THR A 289 -0.26 -24.75 4.98
C THR A 289 -1.53 -23.88 4.85
N PRO A 290 -2.71 -24.52 4.71
CA PRO A 290 -3.96 -23.77 4.51
C PRO A 290 -4.43 -23.02 5.75
N LEU A 291 -4.96 -21.81 5.53
CA LEU A 291 -5.58 -21.03 6.59
C LEU A 291 -6.98 -20.64 6.16
N HIS A 292 -7.87 -20.46 7.13
CA HIS A 292 -9.29 -20.21 6.84
C HIS A 292 -9.62 -18.70 6.83
N THR A 293 -8.77 -17.93 6.12
CA THR A 293 -8.94 -16.48 6.02
C THR A 293 -10.13 -16.11 5.16
N SER A 294 -10.20 -16.68 3.95
CA SER A 294 -11.32 -16.43 3.04
C SER A 294 -12.64 -16.71 3.75
N ARG A 295 -12.67 -17.81 4.50
CA ARG A 295 -13.84 -18.16 5.31
C ARG A 295 -14.21 -17.04 6.29
N VAL A 296 -13.22 -16.52 7.01
CA VAL A 296 -13.48 -15.52 8.05
C VAL A 296 -13.91 -14.18 7.48
N LEU A 297 -13.27 -13.76 6.39
CA LEU A 297 -13.59 -12.47 5.78
C LEU A 297 -15.02 -12.49 5.26
N LYS A 298 -15.38 -13.60 4.60
CA LYS A 298 -16.76 -13.82 4.14
C LYS A 298 -17.70 -13.84 5.34
N GLU A 299 -17.22 -14.38 6.47
CA GLU A 299 -17.98 -14.39 7.73
C GLU A 299 -18.29 -12.95 8.19
N ASP A 300 -17.24 -12.20 8.51
CA ASP A 300 -17.35 -10.86 9.08
C ASP A 300 -17.53 -9.79 7.97
C1 CD2 B . -12.54 -1.96 -9.14
C2 CD2 B . -12.28 -1.79 -7.77
C3 CD2 B . -11.28 -0.91 -7.35
C4 CD2 B . -11.79 -1.27 -10.09
C5 CD2 B . -10.80 -0.40 -9.68
C6 CD2 B . -10.55 -0.22 -8.32
C7 CD2 B . -9.54 0.66 -7.92
C8 CD2 B . -8.83 1.34 -8.87
C9 CD2 B . -9.11 1.12 -10.21
N10 CD2 B . -10.07 0.27 -10.59
C11 CD2 B . -7.75 2.30 -8.49
N12 CD2 B . -6.67 2.40 -9.30
C13 CD2 B . -5.68 3.24 -9.03
C14 CD2 B . -5.71 4.02 -7.88
C15 CD2 B . -6.78 3.94 -7.02
C16 CD2 B . -7.82 3.07 -7.32
C17 CD2 B . -6.77 4.77 -5.79
C18 CD2 B . -5.91 5.81 -5.54
N19 CD2 B . -7.56 4.62 -4.72
N20 CD2 B . -7.17 5.60 -3.80
C21 CD2 B . -6.18 6.32 -4.29
C22 CD2 B . -5.44 7.47 -3.68
C23 CD2 B . -8.33 4.30 -1.97
C24 CD2 B . -7.91 5.67 -2.51
O25 CD2 B . -5.99 8.28 -2.88
N26 CD2 B . -7.16 3.47 -1.74
O27 CD2 B . -4.23 7.60 -4.02
#